data_4AKF
#
_entry.id   4AKF
#
_cell.length_a   252.757
_cell.length_b   252.757
_cell.length_c   252.757
_cell.angle_alpha   90.00
_cell.angle_beta   90.00
_cell.angle_gamma   90.00
#
_symmetry.space_group_name_H-M   'I 4 3 2'
#
loop_
_entity.id
_entity.type
_entity.pdbx_description
1 polymer VIPD
2 water water
#
_entity_poly.entity_id   1
_entity_poly.type   'polypeptide(L)'
_entity_poly.pdbx_seq_one_letter_code
;GSMKLAEIMTKSRKLKRNLLEISKTEAGQYSVSAPEHKGLVLSGGGAKGISYLGMIQALQERGKIKNLTHVSGASAGAMT
ASILAVGMDIKDIKKLIEGLDITKLLDNSGVGFRARGDRFRNILDVIYMMQMKKHLESVQQPIPPEQQMNYGILKQKIAL
YEDKLSRAGIVINNVDDIINLTKSVKDLEKLDKALNSIPTELKGAKGEQLENPRLTLGDLGRLRELLPEENKHLIKNLSV
VVTNQTKHELERYSEDTTPQQSIAQVVQWSGAHPVLFVPGRNAKGEYIADGGILDNMPEIEGLDREEVLCVKAEAGTAFE
DRVNKAKQSAMEAISWFKARMDSLVEATIGGKWLHATSSVLNREKVYYNIDNMIYINTGEVTTTNTSPTPEQRARAVKNG
YDQTMQLLDSHKQTFDHPLMAILYIGHDKLKDALIDEKSEKEIFEASAHAQAILHLQEQIVKEMNDGDYSSVQNYLDQIE
DILTVDAKMDDIQKEKAFALCIKQVNFLSEGKLETYLNKVEAEAKAAAEPSWATKILNLLWAPIEWVVSLFKGPAQDFKV
EVQPEPVKVSTSENQET
;
_entity_poly.pdbx_strand_id   A
#
# COMPACT_ATOMS: atom_id res chain seq x y z
N GLY A 1 -12.68 -3.15 7.56
CA GLY A 1 -13.03 -3.42 6.13
C GLY A 1 -14.51 -3.66 5.90
N SER A 2 -15.03 -3.06 4.83
CA SER A 2 -16.45 -3.19 4.49
C SER A 2 -16.64 -3.76 3.07
N MET A 3 -17.50 -4.78 2.94
CA MET A 3 -17.79 -5.41 1.65
C MET A 3 -18.69 -4.46 0.86
N LYS A 4 -18.64 -4.48 -0.47
CA LYS A 4 -19.49 -3.55 -1.21
C LYS A 4 -20.97 -3.87 -1.06
N LEU A 5 -21.27 -5.02 -0.47
CA LEU A 5 -22.65 -5.41 -0.30
C LEU A 5 -23.32 -4.60 0.80
N ALA A 6 -22.51 -4.10 1.73
CA ALA A 6 -23.01 -3.31 2.85
C ALA A 6 -23.47 -1.92 2.38
N GLU A 7 -23.13 -1.57 1.15
CA GLU A 7 -23.51 -0.29 0.55
C GLU A 7 -24.92 -0.35 -0.05
N ILE A 8 -25.48 -1.55 -0.11
CA ILE A 8 -26.80 -1.76 -0.68
C ILE A 8 -27.91 -1.36 0.31
N MET A 9 -27.58 -1.23 1.59
CA MET A 9 -28.60 -0.88 2.56
C MET A 9 -29.02 0.59 2.44
N THR A 10 -30.30 0.84 2.73
CA THR A 10 -30.87 2.19 2.69
C THR A 10 -30.09 3.00 3.74
N LYS A 11 -30.13 2.53 4.99
CA LYS A 11 -29.39 3.19 6.07
C LYS A 11 -28.20 2.36 6.53
N SER A 12 -27.01 2.77 6.07
CA SER A 12 -25.79 2.09 6.46
C SER A 12 -25.52 2.46 7.91
N ARG A 13 -24.85 1.57 8.64
CA ARG A 13 -24.50 1.78 10.04
C ARG A 13 -23.01 1.49 10.17
N LYS A 14 -22.20 2.48 9.79
CA LYS A 14 -20.75 2.33 9.81
C LYS A 14 -20.20 1.49 10.95
N LEU A 15 -19.42 0.47 10.57
CA LEU A 15 -18.80 -0.44 11.52
C LEU A 15 -17.53 0.23 11.99
N LYS A 16 -16.90 -0.31 13.02
CA LYS A 16 -15.66 0.28 13.51
C LYS A 16 -14.51 -0.42 12.81
N ARG A 17 -13.65 0.38 12.17
CA ARG A 17 -12.50 -0.13 11.45
C ARG A 17 -11.30 0.49 12.16
N ASN A 18 -10.09 0.18 11.73
CA ASN A 18 -8.91 0.77 12.33
C ASN A 18 -8.01 1.33 11.24
N LEU A 19 -7.83 2.64 11.27
CA LEU A 19 -7.03 3.38 10.28
C LEU A 19 -5.83 4.07 10.94
N LEU A 20 -5.85 4.16 12.27
CA LEU A 20 -4.77 4.79 13.01
C LEU A 20 -4.37 3.99 14.22
N GLU A 21 -3.27 4.40 14.84
CA GLU A 21 -2.78 3.70 16.03
C GLU A 21 -2.06 4.70 16.94
N ILE A 22 -2.81 5.25 17.88
CA ILE A 22 -2.26 6.21 18.83
C ILE A 22 -1.60 5.46 19.97
N SER A 23 -0.36 5.80 20.25
CA SER A 23 0.38 5.14 21.31
C SER A 23 1.17 6.16 22.13
N LYS A 24 1.60 5.76 23.31
CA LYS A 24 2.38 6.64 24.16
C LYS A 24 3.78 6.10 24.31
N THR A 25 4.77 6.88 23.87
CA THR A 25 6.18 6.49 23.92
C THR A 25 6.70 6.37 25.35
N GLU A 26 7.88 5.77 25.48
CA GLU A 26 8.52 5.63 26.80
C GLU A 26 9.03 7.03 27.11
N ALA A 27 9.18 7.80 26.04
CA ALA A 27 9.63 9.18 26.12
C ALA A 27 8.51 10.03 26.73
N GLY A 28 7.31 9.47 26.75
CA GLY A 28 6.17 10.18 27.31
C GLY A 28 5.42 10.99 26.27
N GLN A 29 5.67 10.70 25.00
CA GLN A 29 5.01 11.41 23.93
C GLN A 29 3.93 10.55 23.28
N TYR A 30 3.26 11.10 22.29
CA TYR A 30 2.21 10.38 21.61
C TYR A 30 2.57 10.22 20.14
N SER A 31 2.49 8.99 19.63
CA SER A 31 2.82 8.72 18.23
C SER A 31 1.65 8.20 17.42
N VAL A 32 1.44 8.80 16.25
CA VAL A 32 0.35 8.39 15.34
C VAL A 32 0.94 7.54 14.22
N SER A 33 0.78 6.23 14.36
CA SER A 33 1.28 5.27 13.39
C SER A 33 0.12 4.72 12.57
N ALA A 34 0.44 4.13 11.42
CA ALA A 34 -0.58 3.54 10.56
C ALA A 34 -0.97 2.23 11.23
N PRO A 35 -2.10 1.63 10.80
CA PRO A 35 -2.50 0.37 11.41
C PRO A 35 -1.64 -0.74 10.85
N GLU A 36 -1.68 -1.90 11.47
CA GLU A 36 -0.91 -3.05 10.99
C GLU A 36 -1.35 -3.28 9.53
N HIS A 37 -0.40 -3.55 8.64
CA HIS A 37 -0.74 -3.78 7.25
C HIS A 37 -1.21 -5.20 6.98
N LYS A 38 -2.45 -5.30 6.53
CA LYS A 38 -3.09 -6.58 6.23
C LYS A 38 -2.92 -7.05 4.77
N GLY A 39 -3.00 -6.13 3.81
CA GLY A 39 -2.88 -6.51 2.40
C GLY A 39 -1.70 -5.93 1.63
N LEU A 40 -1.24 -6.65 0.61
CA LEU A 40 -0.10 -6.27 -0.24
C LEU A 40 -0.55 -6.42 -1.70
N VAL A 41 -0.49 -5.36 -2.50
CA VAL A 41 -0.90 -5.41 -3.90
C VAL A 41 0.29 -5.11 -4.83
N LEU A 42 0.71 -6.09 -5.62
CA LEU A 42 1.84 -5.88 -6.52
C LEU A 42 1.40 -5.65 -7.97
N SER A 43 1.42 -4.39 -8.37
CA SER A 43 1.01 -3.97 -9.70
C SER A 43 1.83 -4.60 -10.82
N GLY A 44 1.19 -4.73 -11.98
CA GLY A 44 1.86 -5.32 -13.13
C GLY A 44 2.87 -4.38 -13.76
N GLY A 45 3.72 -4.93 -14.63
CA GLY A 45 4.72 -4.09 -15.27
C GLY A 45 5.70 -4.91 -16.09
N GLY A 46 5.41 -6.20 -16.21
CA GLY A 46 6.29 -7.07 -16.99
C GLY A 46 7.38 -7.65 -16.11
N ALA A 47 8.58 -7.79 -16.66
CA ALA A 47 9.69 -8.37 -15.92
C ALA A 47 10.37 -7.44 -14.91
N LYS A 48 9.69 -6.35 -14.54
CA LYS A 48 10.27 -5.42 -13.58
C LYS A 48 10.09 -5.99 -12.16
N GLY A 49 9.72 -7.27 -12.10
CA GLY A 49 9.51 -7.94 -10.83
C GLY A 49 10.77 -8.35 -10.11
N ILE A 50 11.91 -7.95 -10.66
CA ILE A 50 13.16 -8.29 -10.01
C ILE A 50 13.30 -7.34 -8.83
N SER A 51 12.71 -6.15 -9.00
CA SER A 51 12.76 -5.14 -7.95
C SER A 51 11.98 -5.56 -6.72
N TYR A 52 10.84 -6.21 -6.93
CA TYR A 52 9.99 -6.67 -5.83
C TYR A 52 10.82 -7.41 -4.79
N LEU A 53 11.99 -7.88 -5.19
CA LEU A 53 12.86 -8.59 -4.27
C LEU A 53 13.28 -7.62 -3.18
N GLY A 54 13.72 -6.44 -3.57
CA GLY A 54 14.14 -5.44 -2.60
C GLY A 54 13.01 -5.08 -1.66
N MET A 55 11.86 -4.77 -2.25
CA MET A 55 10.66 -4.41 -1.51
C MET A 55 10.31 -5.48 -0.46
N ILE A 56 10.50 -6.74 -0.82
CA ILE A 56 10.20 -7.82 0.12
C ILE A 56 11.20 -7.82 1.26
N GLN A 57 12.46 -7.58 0.94
CA GLN A 57 13.51 -7.55 1.96
C GLN A 57 13.18 -6.48 3.01
N ALA A 58 12.68 -5.34 2.55
CA ALA A 58 12.33 -4.25 3.46
C ALA A 58 11.23 -4.71 4.42
N LEU A 59 10.14 -5.24 3.86
CA LEU A 59 9.03 -5.72 4.66
C LEU A 59 9.51 -6.79 5.63
N GLN A 60 10.42 -7.63 5.17
CA GLN A 60 10.98 -8.70 5.99
C GLN A 60 11.65 -8.12 7.24
N GLU A 61 12.65 -7.26 7.01
CA GLU A 61 13.38 -6.62 8.10
C GLU A 61 12.43 -5.91 9.06
N ARG A 62 11.47 -5.20 8.48
CA ARG A 62 10.52 -4.46 9.26
C ARG A 62 9.37 -5.30 9.85
N GLY A 63 9.42 -6.63 9.67
CA GLY A 63 8.38 -7.51 10.18
C GLY A 63 6.95 -7.25 9.70
N LYS A 64 6.80 -6.61 8.55
CA LYS A 64 5.48 -6.27 7.99
C LYS A 64 4.76 -7.45 7.32
N ILE A 65 5.53 -8.38 6.77
CA ILE A 65 4.99 -9.55 6.08
C ILE A 65 4.09 -10.45 6.95
N LYS A 66 4.63 -10.94 8.06
CA LYS A 66 3.91 -11.82 8.98
C LYS A 66 2.46 -11.46 9.28
N ASN A 67 2.10 -10.19 9.22
CA ASN A 67 0.73 -9.85 9.56
C ASN A 67 -0.14 -9.66 8.32
N LEU A 68 0.39 -10.06 7.17
CA LEU A 68 -0.35 -9.95 5.91
C LEU A 68 -1.33 -11.13 5.89
N THR A 69 -2.55 -10.86 5.42
CA THR A 69 -3.56 -11.88 5.33
C THR A 69 -3.88 -12.06 3.85
N HIS A 70 -3.74 -10.97 3.11
CA HIS A 70 -3.99 -10.96 1.68
C HIS A 70 -2.85 -10.46 0.82
N VAL A 71 -2.68 -11.12 -0.31
CA VAL A 71 -1.66 -10.78 -1.28
C VAL A 71 -2.33 -10.84 -2.65
N SER A 72 -2.20 -9.77 -3.41
CA SER A 72 -2.82 -9.70 -4.72
C SER A 72 -1.74 -9.19 -5.66
N GLY A 73 -1.76 -9.63 -6.91
CA GLY A 73 -0.77 -9.19 -7.86
C GLY A 73 -1.14 -9.52 -9.29
N ALA A 74 -0.40 -8.92 -10.22
CA ALA A 74 -0.59 -9.14 -11.65
C ALA A 74 0.80 -9.16 -12.29
N SER A 75 0.92 -9.86 -13.42
CA SER A 75 2.18 -9.90 -14.14
C SER A 75 3.30 -10.35 -13.17
N ALA A 76 4.50 -9.76 -13.29
CA ALA A 76 5.57 -10.16 -12.37
C ALA A 76 5.04 -10.16 -10.94
N GLY A 77 4.16 -9.21 -10.65
CA GLY A 77 3.59 -9.10 -9.32
C GLY A 77 2.89 -10.36 -8.92
N ALA A 78 2.15 -10.93 -9.86
CA ALA A 78 1.44 -12.16 -9.57
C ALA A 78 2.36 -13.29 -9.13
N MET A 79 3.50 -13.46 -9.78
CA MET A 79 4.37 -14.55 -9.41
C MET A 79 4.86 -14.31 -8.01
N THR A 80 5.54 -13.18 -7.84
CA THR A 80 6.06 -12.81 -6.56
C THR A 80 4.99 -13.03 -5.50
N ALA A 81 3.79 -12.54 -5.79
CA ALA A 81 2.65 -12.66 -4.91
C ALA A 81 2.37 -14.11 -4.51
N SER A 82 2.33 -15.00 -5.49
CA SER A 82 2.06 -16.42 -5.23
C SER A 82 3.15 -17.10 -4.41
N ILE A 83 4.41 -16.75 -4.64
CA ILE A 83 5.51 -17.33 -3.86
C ILE A 83 5.38 -16.88 -2.41
N LEU A 84 4.96 -15.63 -2.20
CA LEU A 84 4.76 -15.12 -0.85
C LEU A 84 3.64 -15.92 -0.21
N ALA A 85 2.51 -15.92 -0.91
CA ALA A 85 1.29 -16.61 -0.51
C ALA A 85 1.48 -18.05 -0.13
N VAL A 86 2.32 -18.76 -0.88
CA VAL A 86 2.53 -20.18 -0.62
C VAL A 86 3.46 -20.38 0.56
N GLY A 87 3.57 -19.36 1.39
CA GLY A 87 4.40 -19.45 2.58
C GLY A 87 5.88 -19.72 2.40
N MET A 88 6.45 -19.37 1.26
CA MET A 88 7.88 -19.59 1.07
C MET A 88 8.64 -18.59 1.96
N ASP A 89 9.90 -18.85 2.25
CA ASP A 89 10.68 -17.95 3.08
C ASP A 89 11.68 -17.12 2.27
N ILE A 90 11.82 -15.84 2.66
CA ILE A 90 12.70 -14.86 2.02
C ILE A 90 13.99 -15.41 1.43
N LYS A 91 14.73 -16.10 2.29
CA LYS A 91 15.99 -16.72 1.90
C LYS A 91 15.81 -17.39 0.54
N ASP A 92 14.79 -18.23 0.42
CA ASP A 92 14.53 -18.95 -0.82
C ASP A 92 13.87 -18.07 -1.89
N ILE A 93 12.98 -17.18 -1.46
CA ILE A 93 12.29 -16.28 -2.38
C ILE A 93 13.33 -15.47 -3.11
N LYS A 94 14.34 -15.03 -2.36
CA LYS A 94 15.42 -14.25 -2.93
C LYS A 94 16.17 -15.13 -3.93
N LYS A 95 16.60 -16.28 -3.45
CA LYS A 95 17.32 -17.23 -4.28
C LYS A 95 16.57 -17.56 -5.57
N LEU A 96 15.24 -17.61 -5.51
CA LEU A 96 14.45 -17.91 -6.70
C LEU A 96 14.45 -16.77 -7.71
N ILE A 97 13.79 -15.67 -7.36
CA ILE A 97 13.71 -14.49 -8.23
C ILE A 97 15.01 -14.29 -9.03
N GLU A 98 16.12 -14.14 -8.31
CA GLU A 98 17.43 -13.97 -8.94
C GLU A 98 18.07 -15.35 -9.05
N GLY A 99 17.81 -16.04 -10.16
CA GLY A 99 18.39 -17.36 -10.32
C GLY A 99 17.58 -18.18 -11.30
N LEU A 100 16.43 -17.65 -11.67
CA LEU A 100 15.58 -18.32 -12.63
C LEU A 100 16.01 -17.91 -14.02
N ASP A 101 16.27 -18.90 -14.87
CA ASP A 101 16.67 -18.65 -16.26
C ASP A 101 15.40 -18.23 -17.01
N ILE A 102 14.93 -17.02 -16.73
CA ILE A 102 13.73 -16.50 -17.37
C ILE A 102 13.98 -16.44 -18.87
N THR A 103 15.26 -16.50 -19.24
CA THR A 103 15.67 -16.46 -20.64
C THR A 103 15.23 -17.78 -21.29
N LYS A 104 15.35 -18.87 -20.52
CA LYS A 104 14.98 -20.20 -20.99
C LYS A 104 13.57 -20.54 -20.47
N LEU A 105 12.95 -19.55 -19.85
CA LEU A 105 11.59 -19.70 -19.32
C LEU A 105 10.64 -19.53 -20.49
N LEU A 106 11.09 -18.80 -21.49
CA LEU A 106 10.29 -18.54 -22.65
C LEU A 106 10.44 -19.62 -23.71
N ASP A 107 9.65 -20.68 -23.57
CA ASP A 107 9.67 -21.80 -24.49
C ASP A 107 9.63 -21.38 -25.96
N ASN A 108 9.96 -22.30 -26.85
CA ASN A 108 9.93 -22.01 -28.28
C ASN A 108 8.77 -22.79 -28.85
N SER A 109 8.12 -23.53 -27.95
CA SER A 109 6.96 -24.36 -28.27
C SER A 109 5.80 -23.50 -28.73
N GLY A 110 6.00 -22.18 -28.74
CA GLY A 110 4.97 -21.27 -29.17
C GLY A 110 4.83 -21.19 -30.68
N VAL A 111 4.34 -20.06 -31.17
CA VAL A 111 4.17 -19.89 -32.60
C VAL A 111 4.25 -18.41 -32.92
N GLY A 112 4.77 -18.06 -34.08
CA GLY A 112 4.87 -16.67 -34.44
C GLY A 112 5.85 -15.92 -33.55
N PHE A 113 6.87 -16.62 -33.08
CA PHE A 113 7.90 -16.03 -32.22
C PHE A 113 7.40 -15.63 -30.86
N ARG A 114 6.57 -16.47 -30.25
CA ARG A 114 6.03 -16.21 -28.93
C ARG A 114 5.99 -17.51 -28.17
N ALA A 115 6.23 -17.44 -26.86
CA ALA A 115 6.22 -18.63 -26.04
C ALA A 115 4.80 -19.16 -25.88
N ARG A 116 4.67 -20.46 -25.70
CA ARG A 116 3.35 -21.04 -25.54
C ARG A 116 2.87 -20.79 -24.12
N GLY A 117 3.82 -20.69 -23.20
CA GLY A 117 3.47 -20.43 -21.81
C GLY A 117 3.41 -21.67 -20.95
N ASP A 118 3.31 -22.83 -21.59
CA ASP A 118 3.24 -24.08 -20.86
C ASP A 118 4.46 -24.31 -19.97
N ARG A 119 5.65 -23.99 -20.44
CA ARG A 119 6.85 -24.21 -19.64
C ARG A 119 6.85 -23.35 -18.38
N PHE A 120 6.64 -22.05 -18.53
CA PHE A 120 6.62 -21.14 -17.40
C PHE A 120 5.63 -21.67 -16.37
N ARG A 121 4.44 -22.06 -16.81
CA ARG A 121 3.44 -22.59 -15.91
C ARG A 121 3.94 -23.86 -15.24
N ASN A 122 4.77 -24.63 -15.95
CA ASN A 122 5.30 -25.86 -15.39
C ASN A 122 6.32 -25.64 -14.28
N ILE A 123 7.14 -24.60 -14.40
CA ILE A 123 8.13 -24.30 -13.37
C ILE A 123 7.38 -23.86 -12.13
N LEU A 124 6.34 -23.08 -12.34
CA LEU A 124 5.54 -22.59 -11.22
C LEU A 124 4.96 -23.77 -10.41
N ASP A 125 4.34 -24.73 -11.11
CA ASP A 125 3.79 -25.91 -10.46
C ASP A 125 4.87 -26.62 -9.63
N VAL A 126 6.06 -26.82 -10.21
CA VAL A 126 7.16 -27.48 -9.50
C VAL A 126 7.47 -26.72 -8.20
N ILE A 127 7.34 -25.40 -8.26
CA ILE A 127 7.62 -24.56 -7.09
C ILE A 127 6.53 -24.72 -6.04
N TYR A 128 5.29 -24.45 -6.41
CA TYR A 128 4.17 -24.58 -5.48
C TYR A 128 4.23 -25.96 -4.80
N MET A 129 4.45 -27.01 -5.60
CA MET A 129 4.54 -28.37 -5.08
C MET A 129 5.62 -28.50 -4.03
N MET A 130 6.84 -28.12 -4.41
CA MET A 130 7.95 -28.21 -3.49
C MET A 130 7.69 -27.47 -2.18
N GLN A 131 7.18 -26.23 -2.26
CA GLN A 131 6.95 -25.48 -1.04
C GLN A 131 5.74 -25.92 -0.24
N MET A 132 4.72 -26.43 -0.92
CA MET A 132 3.56 -26.85 -0.22
C MET A 132 3.82 -28.19 0.41
N LYS A 133 4.69 -28.98 -0.21
CA LYS A 133 4.97 -30.29 0.35
C LYS A 133 5.64 -30.12 1.70
N LYS A 134 6.57 -29.17 1.79
CA LYS A 134 7.25 -28.94 3.05
C LYS A 134 6.27 -28.56 4.14
N HIS A 135 5.33 -27.68 3.84
CA HIS A 135 4.35 -27.28 4.84
C HIS A 135 3.45 -28.44 5.24
N LEU A 136 3.05 -29.22 4.24
CA LEU A 136 2.18 -30.36 4.47
C LEU A 136 2.75 -31.29 5.53
N GLU A 137 4.07 -31.37 5.60
CA GLU A 137 4.74 -32.23 6.57
C GLU A 137 4.92 -31.55 7.91
N SER A 138 4.49 -30.31 8.01
CA SER A 138 4.61 -29.55 9.25
C SER A 138 3.39 -29.79 10.10
N VAL A 139 2.44 -30.51 9.54
CA VAL A 139 1.22 -30.80 10.27
C VAL A 139 1.47 -31.92 11.27
N GLN A 140 0.80 -31.86 12.41
CA GLN A 140 0.93 -32.87 13.45
C GLN A 140 0.20 -34.15 13.13
N GLN A 141 0.47 -35.15 13.97
CA GLN A 141 -0.12 -36.48 13.85
C GLN A 141 -1.66 -36.61 13.81
N PRO A 142 -2.39 -35.92 14.72
CA PRO A 142 -3.85 -36.04 14.73
C PRO A 142 -4.58 -35.95 13.38
N ILE A 143 -4.83 -34.75 12.87
CA ILE A 143 -5.55 -34.62 11.59
C ILE A 143 -6.91 -35.24 11.91
N PRO A 144 -7.81 -34.44 12.50
CA PRO A 144 -9.12 -35.02 12.84
C PRO A 144 -10.38 -34.77 12.01
N PRO A 145 -11.06 -33.61 12.19
CA PRO A 145 -12.30 -33.32 11.45
C PRO A 145 -12.17 -33.48 9.95
N GLU A 146 -12.93 -32.70 9.19
CA GLU A 146 -12.88 -32.78 7.74
C GLU A 146 -11.47 -32.42 7.29
N GLN A 147 -10.56 -32.29 8.25
CA GLN A 147 -9.17 -31.99 7.98
C GLN A 147 -8.48 -33.27 7.49
N GLN A 148 -9.23 -34.36 7.48
CA GLN A 148 -8.71 -35.64 7.03
C GLN A 148 -8.90 -35.68 5.52
N MET A 149 -10.04 -35.16 5.06
CA MET A 149 -10.37 -35.10 3.64
C MET A 149 -9.41 -34.16 2.92
N ASN A 150 -9.17 -32.98 3.49
CA ASN A 150 -8.26 -32.03 2.85
C ASN A 150 -6.87 -32.65 2.78
N TYR A 151 -6.33 -33.03 3.93
CA TYR A 151 -5.00 -33.62 3.99
C TYR A 151 -4.83 -34.69 2.90
N GLY A 152 -5.87 -35.46 2.67
CA GLY A 152 -5.80 -36.49 1.65
C GLY A 152 -5.63 -35.91 0.27
N ILE A 153 -6.51 -34.98 -0.10
CA ILE A 153 -6.44 -34.36 -1.41
C ILE A 153 -5.06 -33.78 -1.69
N LEU A 154 -4.53 -33.00 -0.76
CA LEU A 154 -3.21 -32.42 -0.96
C LEU A 154 -2.19 -33.54 -1.13
N LYS A 155 -2.10 -34.45 -0.15
CA LYS A 155 -1.17 -35.56 -0.22
C LYS A 155 -1.22 -36.20 -1.61
N GLN A 156 -2.42 -36.41 -2.12
CA GLN A 156 -2.62 -37.02 -3.43
C GLN A 156 -2.09 -36.16 -4.56
N LYS A 157 -2.36 -34.85 -4.55
CA LYS A 157 -1.87 -34.00 -5.63
C LYS A 157 -0.36 -34.04 -5.67
N ILE A 158 0.26 -33.83 -4.51
CA ILE A 158 1.70 -33.86 -4.43
C ILE A 158 2.19 -35.20 -4.94
N ALA A 159 1.42 -36.23 -4.64
CA ALA A 159 1.76 -37.58 -5.10
C ALA A 159 1.77 -37.56 -6.62
N LEU A 160 0.66 -37.18 -7.23
CA LEU A 160 0.57 -37.12 -8.69
C LEU A 160 1.75 -36.40 -9.31
N TYR A 161 2.06 -35.21 -8.81
CA TYR A 161 3.19 -34.43 -9.32
C TYR A 161 4.51 -35.20 -9.33
N GLU A 162 4.84 -35.83 -8.20
CA GLU A 162 6.08 -36.59 -8.05
C GLU A 162 6.11 -37.80 -8.97
N ASP A 163 5.03 -38.56 -9.05
CA ASP A 163 5.04 -39.71 -9.93
C ASP A 163 5.39 -39.27 -11.33
N LYS A 164 4.86 -38.13 -11.75
CA LYS A 164 5.12 -37.62 -13.09
C LYS A 164 6.58 -37.18 -13.23
N LEU A 165 7.09 -36.51 -12.20
CA LEU A 165 8.47 -36.03 -12.25
C LEU A 165 9.48 -37.17 -12.10
N SER A 166 9.17 -38.15 -11.26
CA SER A 166 10.07 -39.28 -11.05
C SER A 166 10.28 -40.01 -12.36
N ARG A 167 9.18 -40.40 -12.99
CA ARG A 167 9.28 -41.10 -14.27
C ARG A 167 10.16 -40.29 -15.23
N ALA A 168 10.06 -38.97 -15.13
CA ALA A 168 10.84 -38.07 -16.00
C ALA A 168 12.30 -37.96 -15.56
N GLY A 169 12.60 -38.59 -14.44
CA GLY A 169 13.95 -38.55 -13.92
C GLY A 169 14.27 -37.22 -13.27
N ILE A 170 13.23 -36.48 -12.91
CA ILE A 170 13.40 -35.17 -12.27
C ILE A 170 13.12 -35.27 -10.78
N VAL A 171 13.98 -34.62 -9.99
CA VAL A 171 13.84 -34.64 -8.54
C VAL A 171 14.06 -33.26 -7.96
N ILE A 172 13.04 -32.76 -7.28
CA ILE A 172 13.10 -31.44 -6.67
C ILE A 172 12.79 -31.51 -5.19
N ASN A 173 13.78 -31.19 -4.37
CA ASN A 173 13.62 -31.21 -2.92
C ASN A 173 13.79 -29.81 -2.32
N ASN A 174 14.28 -28.87 -3.12
CA ASN A 174 14.47 -27.51 -2.64
C ASN A 174 14.63 -26.52 -3.78
N VAL A 175 14.68 -25.24 -3.42
CA VAL A 175 14.83 -24.17 -4.38
C VAL A 175 15.94 -24.42 -5.40
N ASP A 176 17.12 -24.81 -4.94
CA ASP A 176 18.26 -25.06 -5.82
C ASP A 176 17.93 -26.10 -6.89
N ASP A 177 17.37 -27.23 -6.48
CA ASP A 177 16.99 -28.28 -7.41
C ASP A 177 16.19 -27.68 -8.56
N ILE A 178 15.29 -26.78 -8.23
CA ILE A 178 14.47 -26.12 -9.22
C ILE A 178 15.32 -25.21 -10.09
N ILE A 179 16.05 -24.29 -9.48
CA ILE A 179 16.89 -23.37 -10.25
C ILE A 179 17.78 -24.13 -11.21
N ASN A 180 18.46 -25.17 -10.72
CA ASN A 180 19.35 -25.96 -11.56
C ASN A 180 18.58 -26.53 -12.73
N LEU A 181 17.39 -27.03 -12.46
CA LEU A 181 16.55 -27.59 -13.50
C LEU A 181 16.39 -26.59 -14.66
N THR A 182 16.13 -25.33 -14.34
CA THR A 182 15.93 -24.30 -15.37
C THR A 182 17.14 -24.06 -16.26
N LYS A 183 18.32 -24.48 -15.82
CA LYS A 183 19.52 -24.27 -16.60
C LYS A 183 19.71 -25.28 -17.71
N SER A 184 19.20 -26.50 -17.49
CA SER A 184 19.30 -27.55 -18.49
C SER A 184 18.10 -27.46 -19.42
N VAL A 185 18.31 -27.41 -20.72
CA VAL A 185 17.19 -27.32 -21.64
C VAL A 185 16.62 -28.69 -21.93
N LYS A 186 17.45 -29.71 -21.81
CA LYS A 186 16.98 -31.07 -22.07
C LYS A 186 16.09 -31.46 -20.92
N ASP A 187 16.47 -31.01 -19.72
CA ASP A 187 15.69 -31.30 -18.52
C ASP A 187 14.37 -30.56 -18.54
N LEU A 188 14.40 -29.33 -19.04
CA LEU A 188 13.20 -28.51 -19.12
C LEU A 188 12.22 -29.19 -20.06
N GLU A 189 12.73 -29.79 -21.13
CA GLU A 189 11.86 -30.46 -22.05
C GLU A 189 11.23 -31.69 -21.44
N LYS A 190 11.96 -32.35 -20.54
CA LYS A 190 11.45 -33.52 -19.87
C LYS A 190 10.31 -33.07 -18.95
N LEU A 191 10.50 -31.92 -18.33
CA LEU A 191 9.50 -31.35 -17.43
C LEU A 191 8.20 -31.14 -18.18
N ASP A 192 8.27 -30.40 -19.29
CA ASP A 192 7.09 -30.12 -20.10
C ASP A 192 6.34 -31.40 -20.44
N LYS A 193 7.04 -32.37 -21.01
CA LYS A 193 6.39 -33.61 -21.40
C LYS A 193 5.72 -34.25 -20.20
N ALA A 194 6.44 -34.28 -19.09
CA ALA A 194 5.94 -34.87 -17.86
C ALA A 194 4.67 -34.21 -17.34
N LEU A 195 4.76 -32.94 -16.98
CA LEU A 195 3.63 -32.19 -16.45
C LEU A 195 2.51 -31.86 -17.44
N ASN A 196 2.85 -31.72 -18.72
CA ASN A 196 1.82 -31.41 -19.70
C ASN A 196 0.87 -32.58 -19.85
N SER A 197 1.30 -33.76 -19.41
CA SER A 197 0.48 -34.95 -19.51
C SER A 197 -0.71 -34.87 -18.55
N ILE A 198 -0.60 -34.08 -17.49
CA ILE A 198 -1.68 -33.91 -16.53
C ILE A 198 -2.77 -33.06 -17.16
N PRO A 199 -4.00 -33.57 -17.20
CA PRO A 199 -5.12 -32.85 -17.80
C PRO A 199 -5.51 -31.53 -17.13
N THR A 200 -6.13 -30.67 -17.93
CA THR A 200 -6.58 -29.38 -17.45
C THR A 200 -7.74 -29.59 -16.49
N GLU A 201 -8.77 -30.29 -16.94
CA GLU A 201 -9.94 -30.57 -16.13
C GLU A 201 -10.17 -32.06 -16.06
N LEU A 202 -10.99 -32.48 -15.11
CA LEU A 202 -11.33 -33.88 -14.98
C LEU A 202 -12.82 -33.92 -14.68
N LYS A 203 -13.58 -34.52 -15.58
CA LYS A 203 -15.03 -34.65 -15.42
C LYS A 203 -15.42 -36.08 -15.10
N GLY A 204 -16.60 -36.24 -14.51
CA GLY A 204 -17.00 -37.57 -14.12
C GLY A 204 -18.03 -38.26 -14.98
N ALA A 205 -18.53 -39.37 -14.45
CA ALA A 205 -19.53 -40.15 -15.16
C ALA A 205 -20.58 -39.32 -15.89
N LYS A 206 -21.24 -38.44 -15.15
CA LYS A 206 -22.30 -37.63 -15.72
C LYS A 206 -21.79 -36.26 -16.15
N GLY A 207 -20.47 -36.13 -16.26
CA GLY A 207 -19.90 -34.87 -16.66
C GLY A 207 -19.95 -33.85 -15.53
N GLU A 208 -19.85 -34.30 -14.28
CA GLU A 208 -19.85 -33.34 -13.17
C GLU A 208 -18.42 -32.86 -13.14
N GLN A 209 -18.19 -31.69 -12.54
CA GLN A 209 -16.85 -31.14 -12.43
C GLN A 209 -16.15 -31.88 -11.30
N LEU A 210 -14.88 -32.22 -11.51
CA LEU A 210 -14.08 -32.91 -10.48
C LEU A 210 -12.88 -32.08 -10.03
N GLU A 211 -12.29 -32.46 -8.90
CA GLU A 211 -11.15 -31.74 -8.35
C GLU A 211 -10.03 -31.56 -9.36
N ASN A 212 -9.56 -30.33 -9.49
CA ASN A 212 -8.47 -29.99 -10.40
C ASN A 212 -7.28 -30.85 -10.00
N PRO A 213 -6.64 -31.49 -10.97
CA PRO A 213 -5.49 -32.32 -10.59
C PRO A 213 -4.35 -31.49 -10.03
N ARG A 214 -4.20 -30.26 -10.54
CA ARG A 214 -3.14 -29.36 -10.11
C ARG A 214 -3.43 -28.63 -8.81
N LEU A 215 -2.38 -28.07 -8.22
CA LEU A 215 -2.52 -27.32 -7.00
C LEU A 215 -3.33 -26.07 -7.36
N THR A 216 -4.42 -25.84 -6.62
CA THR A 216 -5.33 -24.73 -6.89
C THR A 216 -5.26 -23.64 -5.85
N LEU A 217 -5.94 -22.54 -6.15
CA LEU A 217 -6.02 -21.42 -5.24
C LEU A 217 -6.68 -21.96 -3.96
N GLY A 218 -7.72 -22.78 -4.15
CA GLY A 218 -8.42 -23.34 -3.02
C GLY A 218 -7.59 -24.23 -2.12
N ASP A 219 -6.53 -24.85 -2.67
CA ASP A 219 -5.66 -25.72 -1.88
C ASP A 219 -4.89 -24.90 -0.87
N LEU A 220 -4.78 -23.60 -1.12
CA LEU A 220 -4.09 -22.72 -0.19
C LEU A 220 -4.94 -22.68 1.08
N GLY A 221 -6.26 -22.75 0.90
CA GLY A 221 -7.16 -22.73 2.02
C GLY A 221 -7.04 -24.06 2.73
N ARG A 222 -7.05 -25.13 1.95
CA ARG A 222 -6.93 -26.48 2.49
C ARG A 222 -5.69 -26.60 3.38
N LEU A 223 -4.59 -26.02 2.91
CA LEU A 223 -3.33 -26.07 3.64
C LEU A 223 -3.36 -25.20 4.90
N ARG A 224 -3.90 -23.99 4.77
CA ARG A 224 -3.96 -23.07 5.90
C ARG A 224 -4.71 -23.72 7.05
N GLU A 225 -5.89 -24.28 6.75
CA GLU A 225 -6.69 -24.94 7.76
C GLU A 225 -5.88 -26.02 8.50
N LEU A 226 -5.30 -26.95 7.75
CA LEU A 226 -4.52 -28.04 8.33
C LEU A 226 -3.40 -27.62 9.27
N LEU A 227 -2.72 -26.53 8.96
CA LEU A 227 -1.62 -26.08 9.79
C LEU A 227 -1.99 -25.66 11.21
N PRO A 228 -0.99 -25.69 12.12
CA PRO A 228 -1.12 -25.33 13.53
C PRO A 228 -1.34 -23.81 13.62
N GLU A 229 -2.16 -23.36 14.56
CA GLU A 229 -2.42 -21.93 14.70
C GLU A 229 -1.25 -20.99 14.48
N GLU A 230 -0.20 -21.13 15.27
CA GLU A 230 0.94 -20.22 15.11
C GLU A 230 1.59 -20.25 13.73
N ASN A 231 1.14 -21.15 12.85
CA ASN A 231 1.73 -21.24 11.51
C ASN A 231 0.78 -20.86 10.40
N LYS A 232 -0.49 -20.67 10.72
CA LYS A 232 -1.50 -20.31 9.72
C LYS A 232 -1.21 -19.03 8.95
N HIS A 233 -0.42 -18.14 9.54
CA HIS A 233 -0.07 -16.87 8.92
C HIS A 233 0.91 -17.05 7.75
N LEU A 234 1.63 -18.17 7.76
CA LEU A 234 2.59 -18.45 6.70
C LEU A 234 1.92 -18.50 5.35
N ILE A 235 0.69 -18.96 5.33
CA ILE A 235 -0.03 -19.07 4.08
C ILE A 235 -0.99 -17.91 3.91
N LYS A 236 -0.80 -17.13 2.85
CA LYS A 236 -1.62 -15.95 2.55
C LYS A 236 -2.77 -16.25 1.59
N ASN A 237 -3.72 -15.32 1.53
CA ASN A 237 -4.87 -15.47 0.67
C ASN A 237 -4.49 -14.74 -0.61
N LEU A 238 -4.28 -15.50 -1.68
CA LEU A 238 -3.87 -14.98 -2.99
C LEU A 238 -4.94 -14.59 -4.01
N SER A 239 -4.74 -13.42 -4.61
CA SER A 239 -5.62 -12.89 -5.65
C SER A 239 -4.69 -12.74 -6.84
N VAL A 240 -5.18 -13.00 -8.04
CA VAL A 240 -4.35 -12.83 -9.21
C VAL A 240 -5.21 -12.16 -10.26
N VAL A 241 -4.75 -10.99 -10.70
CA VAL A 241 -5.48 -10.25 -11.72
C VAL A 241 -4.93 -10.62 -13.07
N VAL A 242 -5.80 -10.60 -14.06
CA VAL A 242 -5.44 -10.99 -15.40
C VAL A 242 -6.29 -10.16 -16.38
N THR A 243 -5.89 -10.09 -17.64
CA THR A 243 -6.69 -9.37 -18.63
C THR A 243 -7.49 -10.38 -19.44
N ASN A 244 -8.82 -10.26 -19.45
CA ASN A 244 -9.64 -11.18 -20.23
C ASN A 244 -9.76 -10.55 -21.61
N GLN A 245 -8.88 -10.96 -22.51
CA GLN A 245 -8.85 -10.41 -23.87
C GLN A 245 -10.20 -10.44 -24.59
N THR A 246 -10.94 -11.53 -24.42
CA THR A 246 -12.23 -11.70 -25.06
C THR A 246 -13.25 -10.68 -24.60
N LYS A 247 -13.42 -10.58 -23.30
CA LYS A 247 -14.39 -9.65 -22.73
C LYS A 247 -13.76 -8.28 -22.71
N HIS A 248 -12.45 -8.26 -22.90
CA HIS A 248 -11.69 -7.02 -22.92
C HIS A 248 -11.88 -6.21 -21.64
N GLU A 249 -11.56 -6.82 -20.50
CA GLU A 249 -11.63 -6.18 -19.19
C GLU A 249 -10.76 -7.07 -18.32
N LEU A 250 -10.49 -6.69 -17.08
CA LEU A 250 -9.67 -7.57 -16.24
C LEU A 250 -10.57 -8.51 -15.48
N GLU A 251 -10.00 -9.64 -15.07
CA GLU A 251 -10.72 -10.67 -14.35
C GLU A 251 -9.82 -11.03 -13.18
N ARG A 252 -10.40 -11.19 -12.00
CA ARG A 252 -9.59 -11.55 -10.85
C ARG A 252 -9.91 -12.97 -10.41
N TYR A 253 -8.87 -13.72 -10.12
CA TYR A 253 -9.01 -15.08 -9.67
C TYR A 253 -8.54 -15.09 -8.23
N SER A 254 -9.27 -15.77 -7.36
CA SER A 254 -8.86 -15.81 -5.97
C SER A 254 -9.37 -17.06 -5.28
N GLU A 255 -8.83 -17.30 -4.10
CA GLU A 255 -9.15 -18.45 -3.27
C GLU A 255 -10.61 -18.51 -2.83
N ASP A 256 -11.25 -17.34 -2.77
CA ASP A 256 -12.64 -17.25 -2.33
C ASP A 256 -13.65 -17.19 -3.45
N THR A 257 -13.18 -17.03 -4.68
CA THR A 257 -14.08 -16.92 -5.82
C THR A 257 -13.87 -18.00 -6.88
N THR A 258 -12.63 -18.37 -7.08
CA THR A 258 -12.32 -19.37 -8.06
C THR A 258 -11.31 -20.32 -7.40
N PRO A 259 -11.70 -20.95 -6.28
CA PRO A 259 -10.87 -21.89 -5.51
C PRO A 259 -10.41 -23.11 -6.29
N GLN A 260 -11.05 -23.35 -7.41
CA GLN A 260 -10.75 -24.50 -8.23
C GLN A 260 -9.79 -24.15 -9.38
N GLN A 261 -9.22 -22.95 -9.33
CA GLN A 261 -8.30 -22.51 -10.38
C GLN A 261 -6.87 -22.90 -10.07
N SER A 262 -6.12 -23.32 -11.09
CA SER A 262 -4.75 -23.72 -10.87
C SER A 262 -3.85 -22.54 -10.58
N ILE A 263 -3.17 -22.57 -9.45
CA ILE A 263 -2.28 -21.47 -9.10
C ILE A 263 -1.32 -21.14 -10.26
N ALA A 264 -0.60 -22.15 -10.73
CA ALA A 264 0.36 -21.97 -11.82
C ALA A 264 -0.29 -21.43 -13.08
N GLN A 265 -1.44 -21.98 -13.43
CA GLN A 265 -2.11 -21.54 -14.64
C GLN A 265 -2.47 -20.06 -14.60
N VAL A 266 -2.95 -19.60 -13.45
CA VAL A 266 -3.36 -18.21 -13.29
C VAL A 266 -2.16 -17.28 -13.32
N VAL A 267 -1.11 -17.62 -12.56
CA VAL A 267 0.08 -16.78 -12.56
C VAL A 267 0.68 -16.67 -13.96
N GLN A 268 0.74 -17.79 -14.69
CA GLN A 268 1.28 -17.76 -16.05
C GLN A 268 0.44 -16.82 -16.88
N TRP A 269 -0.87 -16.96 -16.79
CA TRP A 269 -1.78 -16.10 -17.53
C TRP A 269 -1.56 -14.64 -17.18
N SER A 270 -1.37 -14.36 -15.89
CA SER A 270 -1.17 -12.99 -15.43
C SER A 270 0.09 -12.37 -16.02
N GLY A 271 1.00 -13.22 -16.51
CA GLY A 271 2.22 -12.72 -17.09
C GLY A 271 2.32 -13.02 -18.58
N ALA A 272 1.19 -13.40 -19.18
CA ALA A 272 1.12 -13.72 -20.60
C ALA A 272 1.07 -12.47 -21.44
N HIS A 273 2.16 -11.71 -21.40
CA HIS A 273 2.26 -10.47 -22.14
C HIS A 273 2.21 -10.70 -23.66
N PRO A 274 1.35 -9.94 -24.36
CA PRO A 274 1.19 -10.06 -25.82
C PRO A 274 2.48 -10.03 -26.63
N VAL A 275 3.53 -9.44 -26.08
CA VAL A 275 4.81 -9.35 -26.79
C VAL A 275 5.63 -10.61 -26.68
N LEU A 276 5.52 -11.32 -25.56
CA LEU A 276 6.30 -12.52 -25.34
C LEU A 276 5.55 -13.83 -25.40
N PHE A 277 4.25 -13.80 -25.11
CA PHE A 277 3.47 -15.04 -25.10
C PHE A 277 2.22 -15.00 -25.95
N VAL A 278 1.79 -16.19 -26.37
CA VAL A 278 0.56 -16.33 -27.12
C VAL A 278 -0.49 -16.23 -26.02
N PRO A 279 -1.67 -15.69 -26.34
CA PRO A 279 -2.72 -15.56 -25.33
C PRO A 279 -3.04 -16.89 -24.66
N GLY A 280 -3.54 -16.86 -23.43
CA GLY A 280 -3.90 -18.09 -22.77
C GLY A 280 -5.36 -18.34 -23.10
N ARG A 281 -5.92 -19.46 -22.62
CA ARG A 281 -7.33 -19.74 -22.91
C ARG A 281 -7.98 -20.52 -21.76
N ASN A 282 -9.06 -19.98 -21.20
CA ASN A 282 -9.75 -20.65 -20.10
C ASN A 282 -10.80 -21.66 -20.59
N ALA A 283 -11.34 -22.42 -19.65
CA ALA A 283 -12.33 -23.45 -19.93
C ALA A 283 -13.52 -22.96 -20.73
N LYS A 284 -13.91 -21.71 -20.52
CA LYS A 284 -15.02 -21.14 -21.25
C LYS A 284 -14.59 -20.90 -22.70
N GLY A 285 -13.28 -20.87 -22.95
CA GLY A 285 -12.80 -20.65 -24.29
C GLY A 285 -12.45 -19.19 -24.55
N GLU A 286 -12.45 -18.40 -23.49
CA GLU A 286 -12.13 -16.98 -23.59
C GLU A 286 -10.61 -16.83 -23.55
N TYR A 287 -10.09 -15.84 -24.26
CA TYR A 287 -8.65 -15.64 -24.29
C TYR A 287 -8.13 -14.78 -23.16
N ILE A 288 -7.04 -15.22 -22.54
CA ILE A 288 -6.45 -14.51 -21.39
C ILE A 288 -5.06 -13.95 -21.64
N ALA A 289 -4.76 -12.79 -21.05
CA ALA A 289 -3.47 -12.13 -21.22
C ALA A 289 -3.03 -11.37 -19.97
N ASP A 290 -1.79 -10.88 -20.00
CA ASP A 290 -1.17 -10.14 -18.91
C ASP A 290 -2.13 -9.23 -18.17
N GLY A 291 -2.20 -9.40 -16.86
CA GLY A 291 -3.10 -8.59 -16.06
C GLY A 291 -2.75 -7.11 -15.97
N GLY A 292 -1.53 -6.75 -16.34
CA GLY A 292 -1.17 -5.35 -16.24
C GLY A 292 -1.19 -4.51 -17.51
N ILE A 293 -1.64 -5.09 -18.61
CA ILE A 293 -1.64 -4.35 -19.86
C ILE A 293 -2.87 -3.53 -20.18
N LEU A 294 -3.99 -3.81 -19.52
CA LEU A 294 -5.21 -3.07 -19.84
C LEU A 294 -5.63 -2.04 -18.81
N ASP A 295 -5.39 -2.31 -17.53
CA ASP A 295 -5.80 -1.37 -16.48
C ASP A 295 -5.06 -1.64 -15.16
N ASN A 296 -5.17 -0.71 -14.23
CA ASN A 296 -4.51 -0.83 -12.94
C ASN A 296 -5.12 -1.85 -11.98
N MET A 297 -4.35 -2.21 -10.95
CA MET A 297 -4.81 -3.17 -9.98
C MET A 297 -5.99 -2.68 -9.17
N PRO A 298 -7.01 -3.52 -9.03
CA PRO A 298 -8.23 -3.22 -8.27
C PRO A 298 -7.88 -3.51 -6.80
N GLU A 299 -8.56 -2.87 -5.85
CA GLU A 299 -8.23 -3.12 -4.45
C GLU A 299 -8.82 -4.39 -3.87
N ILE A 300 -8.17 -4.88 -2.81
CA ILE A 300 -8.59 -6.09 -2.11
C ILE A 300 -9.93 -5.77 -1.43
N GLU A 301 -10.98 -6.53 -1.73
CA GLU A 301 -12.29 -6.21 -1.18
C GLU A 301 -12.53 -5.93 0.31
N GLY A 302 -12.18 -6.87 1.18
CA GLY A 302 -12.47 -6.61 2.59
C GLY A 302 -11.57 -5.67 3.36
N LEU A 303 -10.65 -5.02 2.68
CA LEU A 303 -9.71 -4.17 3.39
C LEU A 303 -9.84 -2.68 3.13
N ASP A 304 -9.22 -1.89 4.01
CA ASP A 304 -9.24 -0.44 3.90
C ASP A 304 -7.92 0.04 3.31
N ARG A 305 -7.96 1.05 2.45
CA ARG A 305 -6.76 1.57 1.84
C ARG A 305 -5.65 1.68 2.89
N GLU A 306 -6.00 2.19 4.06
CA GLU A 306 -5.04 2.35 5.13
C GLU A 306 -4.30 1.07 5.53
N GLU A 307 -4.89 -0.09 5.27
CA GLU A 307 -4.27 -1.37 5.63
C GLU A 307 -3.54 -2.05 4.50
N VAL A 308 -3.59 -1.47 3.31
CA VAL A 308 -2.96 -2.10 2.14
C VAL A 308 -1.83 -1.33 1.44
N LEU A 309 -0.69 -2.00 1.32
CA LEU A 309 0.48 -1.46 0.66
C LEU A 309 0.35 -1.74 -0.82
N CYS A 310 0.53 -0.74 -1.67
CA CYS A 310 0.45 -0.96 -3.11
C CYS A 310 1.79 -0.63 -3.71
N VAL A 311 2.47 -1.63 -4.24
CA VAL A 311 3.77 -1.42 -4.88
C VAL A 311 3.53 -1.35 -6.38
N LYS A 312 3.99 -0.28 -7.03
CA LYS A 312 3.83 -0.16 -8.47
C LYS A 312 5.12 0.27 -9.12
N ALA A 313 5.78 -0.67 -9.78
CA ALA A 313 7.05 -0.39 -10.46
C ALA A 313 6.83 0.07 -11.90
N GLU A 314 7.69 0.96 -12.35
CA GLU A 314 7.62 1.49 -13.71
C GLU A 314 9.03 1.69 -14.28
N ALA A 315 9.14 1.60 -15.60
CA ALA A 315 10.41 1.76 -16.29
C ALA A 315 10.98 3.18 -16.20
N GLY A 316 12.24 3.32 -16.61
CA GLY A 316 12.89 4.62 -16.59
C GLY A 316 13.05 5.12 -15.18
N THR A 317 13.03 6.44 -15.02
CA THR A 317 13.15 7.07 -13.71
C THR A 317 12.10 8.17 -13.58
N ALA A 318 10.91 7.89 -14.11
CA ALA A 318 9.78 8.82 -14.08
C ALA A 318 9.53 9.33 -12.66
N PHE A 319 9.62 8.40 -11.70
CA PHE A 319 9.40 8.73 -10.30
C PHE A 319 10.64 9.31 -9.66
N GLU A 320 10.42 10.09 -8.60
CA GLU A 320 11.52 10.69 -7.85
C GLU A 320 11.55 10.11 -6.46
N ASP A 321 12.72 10.12 -5.83
CA ASP A 321 12.89 9.57 -4.49
C ASP A 321 11.87 10.22 -3.56
N ARG A 322 11.48 9.51 -2.50
CA ARG A 322 10.50 10.04 -1.56
C ARG A 322 11.09 11.09 -0.63
N VAL A 323 12.26 10.79 -0.06
CA VAL A 323 12.94 11.71 0.86
C VAL A 323 13.32 13.03 0.18
N ASN A 324 13.75 12.94 -1.07
CA ASN A 324 14.13 14.14 -1.81
C ASN A 324 12.91 14.89 -2.31
N LYS A 325 11.73 14.29 -2.18
CA LYS A 325 10.48 14.92 -2.59
C LYS A 325 9.89 15.64 -1.38
N ALA A 326 10.22 15.11 -0.21
CA ALA A 326 9.76 15.68 1.05
C ALA A 326 10.54 16.96 1.30
N LYS A 327 11.87 16.86 1.24
CA LYS A 327 12.72 18.03 1.47
C LYS A 327 12.53 19.11 0.41
N GLN A 328 12.06 18.71 -0.77
CA GLN A 328 11.82 19.67 -1.85
C GLN A 328 10.58 20.49 -1.49
N SER A 329 9.58 19.83 -0.92
CA SER A 329 8.34 20.49 -0.54
C SER A 329 8.57 21.30 0.72
N ALA A 330 9.27 20.72 1.68
CA ALA A 330 9.57 21.39 2.94
C ALA A 330 10.26 22.70 2.66
N MET A 331 11.24 22.66 1.77
CA MET A 331 11.97 23.86 1.40
C MET A 331 11.05 24.91 0.79
N GLU A 332 10.12 24.46 -0.04
CA GLU A 332 9.18 25.39 -0.66
C GLU A 332 8.26 25.99 0.38
N ALA A 333 7.88 25.18 1.36
CA ALA A 333 7.00 25.63 2.43
C ALA A 333 7.69 26.72 3.26
N ILE A 334 8.95 26.48 3.61
CA ILE A 334 9.70 27.45 4.39
C ILE A 334 9.88 28.72 3.57
N SER A 335 10.17 28.55 2.29
CA SER A 335 10.36 29.69 1.41
C SER A 335 9.12 30.57 1.40
N TRP A 336 7.96 29.95 1.42
CA TRP A 336 6.71 30.68 1.42
C TRP A 336 6.47 31.46 2.71
N PHE A 337 6.86 30.86 3.84
CA PHE A 337 6.70 31.54 5.10
C PHE A 337 7.59 32.78 5.02
N LYS A 338 8.84 32.61 4.60
CA LYS A 338 9.75 33.74 4.46
C LYS A 338 9.13 34.82 3.59
N ALA A 339 8.56 34.41 2.46
CA ALA A 339 7.94 35.34 1.52
C ALA A 339 6.87 36.19 2.20
N ARG A 340 6.08 35.56 3.07
CA ARG A 340 5.04 36.27 3.77
C ARG A 340 5.64 37.22 4.80
N MET A 341 6.60 36.74 5.58
CA MET A 341 7.22 37.60 6.57
C MET A 341 7.96 38.78 5.94
N ASP A 342 8.91 38.50 5.04
CA ASP A 342 9.66 39.59 4.42
C ASP A 342 8.79 40.59 3.69
N SER A 343 7.50 40.31 3.53
CA SER A 343 6.64 41.24 2.81
C SER A 343 5.77 42.09 3.72
N LEU A 344 6.02 42.04 5.02
CA LEU A 344 5.21 42.79 5.97
C LEU A 344 5.20 44.30 5.87
N VAL A 345 6.28 44.91 5.40
CA VAL A 345 6.28 46.36 5.30
C VAL A 345 5.27 46.80 4.25
N GLU A 346 5.27 46.10 3.13
CA GLU A 346 4.35 46.38 2.03
C GLU A 346 2.95 45.93 2.42
N ALA A 347 2.87 44.78 3.09
CA ALA A 347 1.61 44.21 3.51
C ALA A 347 0.80 45.04 4.50
N THR A 348 1.49 45.56 5.51
CA THR A 348 0.85 46.34 6.56
C THR A 348 0.98 47.84 6.48
N ILE A 349 2.19 48.33 6.29
CA ILE A 349 2.38 49.78 6.22
C ILE A 349 2.16 50.37 4.85
N GLY A 350 3.07 50.08 3.93
CA GLY A 350 2.92 50.60 2.60
C GLY A 350 3.97 50.08 1.66
N GLY A 351 3.58 49.91 0.40
CA GLY A 351 4.50 49.41 -0.60
C GLY A 351 3.73 48.80 -1.75
N LYS A 352 4.42 48.62 -2.87
CA LYS A 352 3.81 48.05 -4.07
C LYS A 352 4.04 46.53 -4.14
N TRP A 353 3.02 45.77 -3.77
CA TRP A 353 3.09 44.32 -3.81
C TRP A 353 1.67 43.75 -3.87
N LEU A 354 1.57 42.42 -3.96
CA LEU A 354 0.28 41.72 -3.95
C LEU A 354 0.58 40.27 -3.55
N HIS A 355 -0.10 39.84 -2.49
CA HIS A 355 0.09 38.51 -1.93
C HIS A 355 -0.28 37.33 -2.84
N ALA A 356 0.38 36.20 -2.64
CA ALA A 356 0.10 35.00 -3.42
C ALA A 356 -1.09 34.34 -2.75
N THR A 357 -1.27 33.05 -2.93
CA THR A 357 -2.40 32.38 -2.29
C THR A 357 -1.92 31.10 -1.62
N SER A 358 -2.61 30.70 -0.55
CA SER A 358 -2.26 29.46 0.14
C SER A 358 -2.48 28.37 -0.91
N SER A 359 -3.08 28.78 -2.03
CA SER A 359 -3.38 27.92 -3.17
C SER A 359 -2.09 27.56 -3.90
N VAL A 360 -1.00 28.20 -3.50
CA VAL A 360 0.30 27.92 -4.08
C VAL A 360 0.98 27.00 -3.08
N LEU A 361 0.18 26.52 -2.14
CA LEU A 361 0.62 25.62 -1.09
C LEU A 361 -0.53 24.69 -0.67
N ASN A 362 -1.64 24.74 -1.42
CA ASN A 362 -2.80 23.90 -1.12
C ASN A 362 -2.46 22.42 -1.30
N ARG A 363 -1.18 22.15 -1.52
CA ARG A 363 -0.68 20.78 -1.67
C ARG A 363 -0.05 20.46 -0.31
N GLU A 364 -0.62 21.12 0.71
CA GLU A 364 -0.22 21.01 2.12
C GLU A 364 -1.15 20.06 2.88
N LYS A 365 -0.58 19.06 3.52
CA LYS A 365 -1.37 18.09 4.28
C LYS A 365 -1.78 18.68 5.62
N VAL A 366 -3.02 19.15 5.70
CA VAL A 366 -3.55 19.75 6.91
C VAL A 366 -4.02 18.74 7.97
N TYR A 367 -4.33 17.53 7.54
CA TYR A 367 -4.77 16.47 8.46
C TYR A 367 -3.86 15.25 8.31
N TYR A 368 -3.76 14.44 9.36
CA TYR A 368 -2.94 13.25 9.28
C TYR A 368 -3.43 12.39 8.12
N ASN A 369 -2.49 11.90 7.33
CA ASN A 369 -2.81 11.07 6.16
C ASN A 369 -1.75 9.99 5.95
N ILE A 370 -2.20 8.78 5.61
CA ILE A 370 -1.30 7.67 5.37
C ILE A 370 -1.18 7.42 3.89
N ASP A 371 0.04 7.43 3.39
CA ASP A 371 0.30 7.18 1.99
C ASP A 371 0.85 5.77 1.93
N ASN A 372 0.11 4.87 1.30
CA ASN A 372 0.55 3.49 1.20
C ASN A 372 1.01 3.11 -0.19
N MET A 373 1.28 4.11 -1.02
CA MET A 373 1.71 3.86 -2.39
C MET A 373 3.23 3.82 -2.59
N ILE A 374 3.79 2.63 -2.81
CA ILE A 374 5.23 2.51 -3.04
C ILE A 374 5.57 2.53 -4.52
N TYR A 375 6.23 3.58 -4.97
CA TYR A 375 6.60 3.69 -6.39
C TYR A 375 8.06 3.29 -6.56
N ILE A 376 8.35 2.46 -7.56
CA ILE A 376 9.72 2.02 -7.81
C ILE A 376 10.17 2.28 -9.23
N ASN A 377 11.35 2.88 -9.38
CA ASN A 377 11.91 3.13 -10.69
C ASN A 377 12.69 1.87 -11.04
N THR A 378 12.35 1.25 -12.16
CA THR A 378 13.04 0.03 -12.56
C THR A 378 14.24 0.33 -13.47
N GLY A 379 14.35 1.58 -13.91
CA GLY A 379 15.47 1.99 -14.74
C GLY A 379 15.35 1.62 -16.21
N GLU A 380 16.28 0.79 -16.69
CA GLU A 380 16.28 0.35 -18.08
C GLU A 380 15.62 -1.01 -18.22
N VAL A 381 15.18 -1.56 -17.09
CA VAL A 381 14.51 -2.85 -17.07
C VAL A 381 13.04 -2.59 -17.47
N THR A 382 12.67 -2.97 -18.70
CA THR A 382 11.30 -2.77 -19.18
C THR A 382 10.61 -4.11 -19.32
N THR A 383 9.36 -4.09 -19.76
CA THR A 383 8.57 -5.30 -19.94
C THR A 383 9.38 -6.41 -20.63
N THR A 384 9.84 -6.11 -21.85
CA THR A 384 10.64 -7.03 -22.63
C THR A 384 12.04 -7.14 -21.99
N ASN A 385 12.43 -8.33 -21.54
CA ASN A 385 13.73 -8.49 -20.89
C ASN A 385 14.63 -9.61 -21.38
N THR A 386 15.89 -9.28 -21.60
CA THR A 386 16.91 -10.24 -22.03
C THR A 386 18.22 -9.78 -21.38
N SER A 387 18.15 -8.65 -20.67
CA SER A 387 19.31 -8.04 -20.03
C SER A 387 19.46 -8.13 -18.51
N PRO A 388 19.98 -9.27 -18.00
CA PRO A 388 20.16 -9.41 -16.55
C PRO A 388 21.45 -8.73 -16.06
N THR A 389 21.69 -7.53 -16.58
CA THR A 389 22.87 -6.73 -16.23
C THR A 389 23.12 -6.76 -14.74
N PRO A 390 24.18 -7.44 -14.29
CA PRO A 390 24.49 -7.52 -12.86
C PRO A 390 24.28 -6.18 -12.15
N GLU A 391 24.35 -5.10 -12.90
CA GLU A 391 24.14 -3.77 -12.34
C GLU A 391 22.67 -3.42 -12.30
N GLN A 392 22.11 -3.15 -13.48
CA GLN A 392 20.71 -2.78 -13.62
C GLN A 392 19.79 -3.60 -12.72
N ARG A 393 20.23 -4.81 -12.36
CA ARG A 393 19.47 -5.68 -11.50
C ARG A 393 19.66 -5.24 -10.06
N ALA A 394 20.91 -5.15 -9.62
CA ALA A 394 21.20 -4.74 -8.25
C ALA A 394 20.68 -3.33 -7.96
N ARG A 395 20.61 -2.50 -9.00
CA ARG A 395 20.11 -1.14 -8.85
C ARG A 395 18.60 -1.17 -8.63
N ALA A 396 17.88 -1.86 -9.50
CA ALA A 396 16.43 -1.97 -9.38
C ALA A 396 16.05 -2.61 -8.05
N VAL A 397 16.82 -3.60 -7.60
CA VAL A 397 16.52 -4.26 -6.33
C VAL A 397 16.62 -3.31 -5.16
N LYS A 398 17.82 -2.81 -4.90
CA LYS A 398 17.99 -1.89 -3.77
C LYS A 398 17.20 -0.59 -3.94
N ASN A 399 16.88 -0.27 -5.17
CA ASN A 399 16.09 0.91 -5.46
C ASN A 399 14.67 0.65 -4.93
N GLY A 400 14.24 -0.60 -5.01
CA GLY A 400 12.91 -0.97 -4.55
C GLY A 400 12.93 -1.12 -3.04
N TYR A 401 14.07 -1.52 -2.52
CA TYR A 401 14.23 -1.69 -1.08
C TYR A 401 14.14 -0.34 -0.36
N ASP A 402 14.86 0.66 -0.88
CA ASP A 402 14.86 1.99 -0.29
C ASP A 402 13.47 2.59 -0.27
N GLN A 403 12.75 2.46 -1.38
CA GLN A 403 11.40 3.02 -1.47
C GLN A 403 10.45 2.48 -0.42
N THR A 404 10.47 1.17 -0.19
CA THR A 404 9.62 0.55 0.81
C THR A 404 9.98 1.15 2.17
N MET A 405 11.27 1.28 2.42
CA MET A 405 11.76 1.84 3.68
C MET A 405 11.30 3.28 3.87
N GLN A 406 11.43 4.09 2.82
CA GLN A 406 11.01 5.48 2.91
C GLN A 406 9.54 5.63 3.22
N LEU A 407 8.68 5.09 2.37
CA LEU A 407 7.25 5.19 2.59
C LEU A 407 6.89 4.59 3.94
N LEU A 408 7.54 3.49 4.29
CA LEU A 408 7.28 2.84 5.57
C LEU A 408 7.59 3.78 6.74
N ASP A 409 8.52 4.72 6.54
CA ASP A 409 8.91 5.67 7.57
C ASP A 409 7.98 6.87 7.67
N SER A 410 7.42 7.28 6.54
CA SER A 410 6.53 8.43 6.50
C SER A 410 5.22 8.18 7.25
N HIS A 411 5.06 6.95 7.73
CA HIS A 411 3.84 6.60 8.44
C HIS A 411 3.74 7.11 9.87
N LYS A 412 4.78 6.88 10.65
CA LYS A 412 4.78 7.30 12.04
C LYS A 412 5.15 8.76 12.22
N GLN A 413 4.37 9.44 13.05
CA GLN A 413 4.59 10.85 13.38
C GLN A 413 4.49 10.88 14.89
N THR A 414 5.24 11.78 15.53
CA THR A 414 5.20 11.87 16.98
C THR A 414 4.96 13.29 17.43
N PHE A 415 3.95 13.45 18.29
CA PHE A 415 3.61 14.75 18.82
C PHE A 415 3.94 14.82 20.30
N ASP A 416 4.08 16.05 20.78
CA ASP A 416 4.41 16.27 22.17
C ASP A 416 3.19 16.32 23.07
N HIS A 417 2.18 17.05 22.61
CA HIS A 417 0.93 17.23 23.33
C HIS A 417 -0.23 16.49 22.65
N PRO A 418 -0.93 15.62 23.40
CA PRO A 418 -2.05 14.86 22.88
C PRO A 418 -3.11 15.68 22.15
N LEU A 419 -3.34 16.90 22.58
CA LEU A 419 -4.34 17.68 21.89
C LEU A 419 -3.89 17.88 20.46
N MET A 420 -2.58 18.11 20.28
CA MET A 420 -2.01 18.36 18.96
C MET A 420 -2.29 17.16 18.06
N ALA A 421 -1.90 15.98 18.52
CA ALA A 421 -2.13 14.76 17.77
C ALA A 421 -3.58 14.73 17.34
N ILE A 422 -4.48 14.74 18.31
CA ILE A 422 -5.91 14.69 18.01
C ILE A 422 -6.42 15.75 17.05
N LEU A 423 -5.87 16.95 17.09
CA LEU A 423 -6.34 17.99 16.19
C LEU A 423 -5.89 17.71 14.78
N TYR A 424 -4.74 17.06 14.65
CA TYR A 424 -4.17 16.72 13.33
C TYR A 424 -4.95 15.57 12.74
N ILE A 425 -5.23 14.57 13.55
CA ILE A 425 -5.98 13.42 13.10
C ILE A 425 -7.39 13.85 12.71
N GLY A 426 -7.98 14.70 13.54
CA GLY A 426 -9.33 15.17 13.27
C GLY A 426 -10.30 14.35 14.09
N HIS A 427 -11.22 15.00 14.77
CA HIS A 427 -12.18 14.27 15.60
C HIS A 427 -12.92 13.21 14.76
N ASP A 428 -12.98 13.44 13.46
CA ASP A 428 -13.64 12.49 12.58
C ASP A 428 -12.95 11.12 12.57
N LYS A 429 -11.69 11.08 12.14
CA LYS A 429 -10.94 9.83 12.08
C LYS A 429 -10.48 9.36 13.46
N LEU A 430 -10.94 10.04 14.52
CA LEU A 430 -10.53 9.65 15.86
C LEU A 430 -11.25 8.38 16.28
N LYS A 431 -12.50 8.25 15.87
CA LYS A 431 -13.33 7.10 16.21
C LYS A 431 -12.89 5.81 15.52
N ASP A 432 -12.18 5.94 14.40
CA ASP A 432 -11.71 4.78 13.66
C ASP A 432 -10.25 4.57 14.05
N ALA A 433 -9.87 5.04 15.23
CA ALA A 433 -8.50 4.90 15.70
C ALA A 433 -8.37 3.83 16.77
N LEU A 434 -7.24 3.13 16.76
CA LEU A 434 -6.97 2.09 17.73
C LEU A 434 -6.11 2.70 18.84
N ILE A 435 -6.77 3.27 19.85
CA ILE A 435 -6.06 3.90 20.95
C ILE A 435 -5.44 2.89 21.89
N ASP A 436 -4.31 3.27 22.46
CA ASP A 436 -3.55 2.45 23.39
C ASP A 436 -4.06 2.63 24.82
N GLU A 437 -3.60 1.78 25.74
CA GLU A 437 -4.00 1.84 27.13
C GLU A 437 -3.51 3.08 27.87
N LYS A 438 -2.18 3.17 28.00
CA LYS A 438 -1.55 4.31 28.68
C LYS A 438 -1.99 5.64 28.10
N SER A 439 -2.57 5.61 26.92
CA SER A 439 -2.99 6.82 26.23
C SER A 439 -4.43 7.26 26.53
N GLU A 440 -5.34 6.30 26.56
CA GLU A 440 -6.75 6.55 26.80
C GLU A 440 -7.13 7.68 27.75
N LYS A 441 -6.40 7.83 28.84
CA LYS A 441 -6.72 8.90 29.79
C LYS A 441 -6.61 10.29 29.20
N GLU A 442 -5.40 10.69 28.84
CA GLU A 442 -5.14 12.02 28.29
C GLU A 442 -5.81 12.23 26.95
N ILE A 443 -5.91 11.17 26.16
CA ILE A 443 -6.53 11.27 24.84
C ILE A 443 -7.96 11.76 24.93
N PHE A 444 -8.77 11.11 25.77
CA PHE A 444 -10.16 11.51 25.88
C PHE A 444 -10.36 12.82 26.61
N GLU A 445 -9.38 13.23 27.40
CA GLU A 445 -9.50 14.52 28.06
C GLU A 445 -9.24 15.52 26.94
N ALA A 446 -8.22 15.24 26.15
CA ALA A 446 -7.84 16.10 25.06
C ALA A 446 -8.88 16.16 23.96
N SER A 447 -9.58 15.06 23.72
CA SER A 447 -10.58 15.03 22.66
C SER A 447 -11.77 15.93 23.01
N ALA A 448 -11.98 16.16 24.30
CA ALA A 448 -13.08 17.01 24.74
C ALA A 448 -12.82 18.42 24.21
N HIS A 449 -11.61 18.91 24.44
CA HIS A 449 -11.25 20.23 23.98
C HIS A 449 -11.22 20.23 22.47
N ALA A 450 -10.70 19.17 21.89
CA ALA A 450 -10.65 19.09 20.44
C ALA A 450 -12.07 19.29 19.87
N GLN A 451 -13.06 18.66 20.50
CA GLN A 451 -14.43 18.80 20.02
C GLN A 451 -14.89 20.26 20.14
N ALA A 452 -14.62 20.89 21.27
CA ALA A 452 -15.02 22.28 21.48
C ALA A 452 -14.42 23.16 20.39
N ILE A 453 -13.18 22.86 20.02
CA ILE A 453 -12.48 23.60 18.99
C ILE A 453 -13.11 23.34 17.63
N LEU A 454 -13.29 22.06 17.32
CA LEU A 454 -13.89 21.66 16.06
C LEU A 454 -15.20 22.41 15.85
N HIS A 455 -16.06 22.36 16.87
CA HIS A 455 -17.33 23.06 16.78
C HIS A 455 -17.15 24.49 16.34
N LEU A 456 -16.11 25.14 16.88
CA LEU A 456 -15.82 26.53 16.56
C LEU A 456 -15.32 26.66 15.13
N GLN A 457 -14.40 25.76 14.74
CA GLN A 457 -13.88 25.80 13.38
C GLN A 457 -15.09 25.76 12.48
N GLU A 458 -15.86 24.70 12.64
CA GLU A 458 -17.08 24.46 11.88
C GLU A 458 -17.97 25.71 11.81
N GLN A 459 -18.21 26.32 12.97
CA GLN A 459 -19.03 27.51 13.05
C GLN A 459 -18.51 28.66 12.20
N ILE A 460 -17.19 28.85 12.22
CA ILE A 460 -16.58 29.92 11.43
C ILE A 460 -16.91 29.70 9.97
N VAL A 461 -16.70 28.47 9.50
CA VAL A 461 -17.00 28.11 8.13
C VAL A 461 -18.47 28.37 7.85
N LYS A 462 -19.32 27.76 8.66
CA LYS A 462 -20.77 27.88 8.56
C LYS A 462 -21.20 29.35 8.39
N GLU A 463 -20.74 30.22 9.29
CA GLU A 463 -21.09 31.63 9.23
C GLU A 463 -20.51 32.41 8.05
N MET A 464 -19.35 31.99 7.54
CA MET A 464 -18.77 32.69 6.41
C MET A 464 -19.55 32.33 5.15
N ASN A 465 -19.89 31.06 5.01
CA ASN A 465 -20.66 30.63 3.84
C ASN A 465 -22.00 31.37 3.77
N ASP A 466 -22.50 31.83 4.90
CA ASP A 466 -23.76 32.56 4.92
C ASP A 466 -23.43 34.04 4.78
N GLY A 467 -22.18 34.32 4.43
CA GLY A 467 -21.73 35.69 4.26
C GLY A 467 -21.72 36.53 5.52
N ASP A 468 -21.41 35.90 6.66
CA ASP A 468 -21.35 36.61 7.94
C ASP A 468 -19.98 36.46 8.55
N TYR A 469 -19.18 37.51 8.46
CA TYR A 469 -17.83 37.45 9.01
C TYR A 469 -17.71 38.18 10.34
N SER A 470 -18.81 38.72 10.85
CA SER A 470 -18.80 39.45 12.11
C SER A 470 -18.15 38.76 13.30
N SER A 471 -18.14 37.44 13.31
CA SER A 471 -17.54 36.77 14.46
C SER A 471 -16.30 35.90 14.19
N VAL A 472 -15.72 36.02 13.01
CA VAL A 472 -14.54 35.23 12.65
C VAL A 472 -13.41 35.46 13.65
N GLN A 473 -13.14 36.73 13.94
CA GLN A 473 -12.10 37.07 14.88
C GLN A 473 -12.40 36.47 16.24
N ASN A 474 -13.57 36.79 16.78
CA ASN A 474 -13.97 36.27 18.07
C ASN A 474 -13.79 34.75 18.18
N TYR A 475 -14.32 34.00 17.21
CA TYR A 475 -14.19 32.56 17.24
C TYR A 475 -12.72 32.14 17.26
N LEU A 476 -11.92 32.79 16.43
CA LEU A 476 -10.51 32.46 16.39
C LEU A 476 -9.86 32.71 17.74
N ASP A 477 -10.15 33.87 18.34
CA ASP A 477 -9.59 34.19 19.65
C ASP A 477 -9.99 33.12 20.65
N GLN A 478 -11.22 32.63 20.52
CA GLN A 478 -11.73 31.61 21.41
C GLN A 478 -10.95 30.32 21.30
N ILE A 479 -10.69 29.90 20.07
CA ILE A 479 -9.95 28.68 19.84
C ILE A 479 -8.60 28.80 20.54
N GLU A 480 -7.95 29.96 20.40
CA GLU A 480 -6.66 30.20 21.03
C GLU A 480 -6.78 30.14 22.54
N ASP A 481 -7.88 30.70 23.05
CA ASP A 481 -8.11 30.69 24.48
C ASP A 481 -8.17 29.24 24.95
N ILE A 482 -8.91 28.40 24.23
CA ILE A 482 -9.01 27.00 24.60
C ILE A 482 -7.64 26.31 24.65
N LEU A 483 -6.81 26.61 23.66
CA LEU A 483 -5.47 26.02 23.59
C LEU A 483 -4.57 26.50 24.74
N THR A 484 -4.71 27.76 25.13
CA THR A 484 -3.90 28.33 26.19
C THR A 484 -4.36 27.95 27.58
N VAL A 485 -5.60 28.31 27.90
CA VAL A 485 -6.19 28.04 29.18
C VAL A 485 -6.56 26.57 29.41
N ASP A 486 -7.58 26.10 28.70
CA ASP A 486 -8.07 24.73 28.83
C ASP A 486 -7.05 23.62 28.61
N ALA A 487 -6.28 23.70 27.54
CA ALA A 487 -5.29 22.68 27.24
C ALA A 487 -3.97 22.92 27.95
N LYS A 488 -3.69 24.18 28.26
CA LYS A 488 -2.45 24.52 28.93
C LYS A 488 -1.27 24.07 28.10
N MET A 489 -1.04 24.72 26.96
CA MET A 489 0.08 24.35 26.10
C MET A 489 1.16 25.43 26.13
N ASP A 490 2.42 25.01 26.03
CA ASP A 490 3.52 25.98 26.03
C ASP A 490 3.23 27.00 24.97
N ASP A 491 3.95 28.10 25.01
CA ASP A 491 3.77 29.13 24.01
C ASP A 491 4.06 28.58 22.62
N ILE A 492 5.12 27.78 22.50
CA ILE A 492 5.46 27.21 21.20
C ILE A 492 4.38 26.25 20.72
N GLN A 493 4.01 25.30 21.59
CA GLN A 493 2.97 24.31 21.28
C GLN A 493 1.69 25.01 20.85
N LYS A 494 1.23 25.97 21.64
CA LYS A 494 0.02 26.71 21.39
C LYS A 494 0.08 27.32 20.00
N GLU A 495 1.20 27.97 19.73
CA GLU A 495 1.44 28.64 18.47
C GLU A 495 1.30 27.67 17.29
N LYS A 496 1.87 26.48 17.46
CA LYS A 496 1.81 25.45 16.44
C LYS A 496 0.39 24.95 16.25
N ALA A 497 -0.29 24.62 17.35
CA ALA A 497 -1.65 24.13 17.28
C ALA A 497 -2.59 25.16 16.67
N PHE A 498 -2.50 26.39 17.15
CA PHE A 498 -3.34 27.48 16.64
C PHE A 498 -3.07 27.65 15.14
N ALA A 499 -1.81 27.54 14.75
CA ALA A 499 -1.44 27.66 13.34
C ALA A 499 -2.24 26.60 12.60
N LEU A 500 -2.11 25.35 13.04
CA LEU A 500 -2.83 24.23 12.45
C LEU A 500 -4.32 24.51 12.33
N CYS A 501 -4.95 24.91 13.43
CA CYS A 501 -6.39 25.21 13.42
C CYS A 501 -6.76 26.27 12.40
N ILE A 502 -5.94 27.32 12.31
CA ILE A 502 -6.21 28.37 11.36
C ILE A 502 -6.18 27.76 9.96
N LYS A 503 -5.14 27.00 9.68
CA LYS A 503 -5.01 26.33 8.39
C LYS A 503 -6.20 25.42 8.08
N GLN A 504 -6.57 24.57 9.03
CA GLN A 504 -7.69 23.66 8.82
C GLN A 504 -8.99 24.43 8.52
N VAL A 505 -9.16 25.60 9.13
CA VAL A 505 -10.37 26.37 8.87
C VAL A 505 -10.30 26.90 7.45
N ASN A 506 -9.12 27.32 7.04
CA ASN A 506 -8.95 27.85 5.69
C ASN A 506 -9.32 26.75 4.73
N PHE A 507 -8.74 25.57 4.95
CA PHE A 507 -9.04 24.44 4.09
C PHE A 507 -10.56 24.18 4.03
N LEU A 508 -11.16 23.89 5.19
CA LEU A 508 -12.59 23.62 5.25
C LEU A 508 -13.42 24.70 4.55
N SER A 509 -12.96 25.95 4.59
CA SER A 509 -13.69 27.06 3.96
C SER A 509 -13.27 27.29 2.50
N GLU A 510 -12.28 26.54 2.04
CA GLU A 510 -11.79 26.69 0.68
C GLU A 510 -11.32 28.11 0.44
N GLY A 511 -10.28 28.47 1.19
CA GLY A 511 -9.67 29.79 1.09
C GLY A 511 -10.58 30.98 1.33
N LYS A 512 -11.80 30.74 1.81
CA LYS A 512 -12.72 31.84 2.05
C LYS A 512 -12.24 32.71 3.21
N LEU A 513 -11.51 32.06 4.13
CA LEU A 513 -10.97 32.72 5.31
C LEU A 513 -9.79 33.60 4.93
N GLU A 514 -8.82 33.00 4.25
CA GLU A 514 -7.63 33.71 3.81
C GLU A 514 -8.00 34.98 3.04
N THR A 515 -9.02 34.89 2.20
CA THR A 515 -9.46 36.03 1.43
C THR A 515 -9.93 37.12 2.37
N TYR A 516 -10.73 36.72 3.35
CA TYR A 516 -11.22 37.67 4.33
C TYR A 516 -10.01 38.33 5.02
N LEU A 517 -9.17 37.51 5.63
CA LEU A 517 -7.99 38.02 6.32
C LEU A 517 -7.26 39.04 5.47
N ASN A 518 -6.85 38.64 4.28
CA ASN A 518 -6.13 39.55 3.40
C ASN A 518 -6.88 40.85 3.17
N LYS A 519 -8.19 40.78 3.04
CA LYS A 519 -8.97 41.98 2.82
C LYS A 519 -8.91 42.86 4.07
N VAL A 520 -9.05 42.26 5.24
CA VAL A 520 -9.02 43.01 6.49
C VAL A 520 -7.68 43.72 6.65
N GLU A 521 -6.60 42.98 6.38
CA GLU A 521 -5.29 43.55 6.50
C GLU A 521 -5.16 44.71 5.53
N ALA A 522 -5.63 44.53 4.31
CA ALA A 522 -5.55 45.56 3.29
C ALA A 522 -6.29 46.84 3.69
N GLU A 523 -7.46 46.70 4.27
CA GLU A 523 -8.24 47.86 4.68
C GLU A 523 -7.53 48.55 5.83
N ALA A 524 -6.96 47.73 6.72
CA ALA A 524 -6.22 48.22 7.88
C ALA A 524 -5.00 49.03 7.44
N LYS A 525 -4.35 48.57 6.37
CA LYS A 525 -3.18 49.23 5.83
C LYS A 525 -3.58 50.60 5.31
N ALA A 526 -4.74 50.63 4.65
CA ALA A 526 -5.24 51.88 4.09
C ALA A 526 -5.58 52.90 5.17
N ALA A 527 -5.98 52.40 6.34
CA ALA A 527 -6.35 53.25 7.46
C ALA A 527 -5.13 53.61 8.28
N ALA A 528 -3.97 53.14 7.84
CA ALA A 528 -2.74 53.40 8.56
C ALA A 528 -2.85 52.91 10.00
N GLU A 529 -3.28 51.66 10.16
CA GLU A 529 -3.41 51.09 11.48
C GLU A 529 -3.08 49.60 11.43
N PRO A 530 -2.74 49.03 12.59
CA PRO A 530 -2.40 47.61 12.67
C PRO A 530 -3.66 46.78 12.55
N SER A 531 -3.51 45.46 12.52
CA SER A 531 -4.65 44.57 12.41
C SER A 531 -4.40 43.22 13.06
N TRP A 532 -5.45 42.67 13.64
CA TRP A 532 -5.40 41.38 14.29
C TRP A 532 -5.17 40.34 13.20
N ALA A 533 -5.56 40.71 12.00
CA ALA A 533 -5.45 39.84 10.84
C ALA A 533 -4.03 39.48 10.48
N THR A 534 -3.09 40.39 10.73
CA THR A 534 -1.71 40.12 10.40
C THR A 534 -1.16 38.90 11.14
N LYS A 535 -1.45 38.80 12.44
CA LYS A 535 -0.98 37.67 13.25
C LYS A 535 -1.51 36.35 12.69
N ILE A 536 -2.80 36.32 12.44
CA ILE A 536 -3.46 35.12 11.93
C ILE A 536 -2.85 34.70 10.60
N LEU A 537 -2.60 35.66 9.72
CA LEU A 537 -2.02 35.35 8.43
C LEU A 537 -0.58 34.84 8.58
N ASN A 538 0.20 35.43 9.47
CA ASN A 538 1.56 34.96 9.63
C ASN A 538 1.53 33.51 10.06
N LEU A 539 0.48 33.13 10.78
CA LEU A 539 0.32 31.77 11.25
C LEU A 539 -0.17 30.87 10.13
N LEU A 540 -0.98 31.41 9.24
CA LEU A 540 -1.51 30.66 8.11
C LEU A 540 -0.34 30.17 7.25
N TRP A 541 0.60 31.07 6.99
CA TRP A 541 1.76 30.75 6.18
C TRP A 541 2.86 29.98 6.88
N ALA A 542 2.69 29.72 8.17
CA ALA A 542 3.69 28.97 8.92
C ALA A 542 4.01 27.69 8.13
N PRO A 543 5.26 27.23 8.16
CA PRO A 543 5.52 25.99 7.42
C PRO A 543 4.96 24.75 8.11
N ILE A 544 4.11 24.03 7.39
CA ILE A 544 3.46 22.84 7.91
C ILE A 544 4.41 21.85 8.59
N GLU A 545 5.63 21.70 8.07
CA GLU A 545 6.58 20.78 8.69
C GLU A 545 6.90 21.26 10.10
N TRP A 546 6.90 22.56 10.28
CA TRP A 546 7.18 23.14 11.59
C TRP A 546 5.99 22.84 12.49
N VAL A 547 4.79 23.19 12.01
CA VAL A 547 3.56 22.97 12.74
C VAL A 547 3.53 21.56 13.32
N VAL A 548 4.05 20.60 12.56
CA VAL A 548 4.04 19.21 12.99
C VAL A 548 5.31 18.75 13.71
N SER A 549 6.40 19.49 13.52
CA SER A 549 7.67 19.15 14.12
C SER A 549 7.67 19.34 15.62
N LEU A 550 8.74 18.91 16.27
CA LEU A 550 8.88 19.07 17.71
C LEU A 550 10.00 20.07 17.92
N PHE A 551 10.19 20.92 16.92
CA PHE A 551 11.23 21.92 16.94
C PHE A 551 11.54 22.62 18.26
N LYS A 552 10.53 23.16 18.93
CA LYS A 552 10.74 23.89 20.18
C LYS A 552 11.51 25.18 19.88
N GLY A 553 10.97 25.92 18.92
CA GLY A 553 11.52 27.19 18.48
C GLY A 553 10.44 27.72 17.55
N PRO A 554 10.31 29.04 17.36
CA PRO A 554 9.26 29.55 16.46
C PRO A 554 9.56 29.35 14.98
N ALA A 555 8.51 29.38 14.18
CA ALA A 555 8.60 29.18 12.74
C ALA A 555 9.78 29.88 12.07
N GLN A 556 10.15 31.03 12.61
CA GLN A 556 11.24 31.83 12.09
C GLN A 556 12.55 31.03 12.04
N ASP A 557 12.93 30.47 13.19
CA ASP A 557 14.17 29.72 13.34
C ASP A 557 14.16 28.28 12.80
N PHE A 558 13.05 27.86 12.23
CA PHE A 558 12.95 26.51 11.68
C PHE A 558 13.82 26.46 10.44
N LYS A 559 14.86 25.63 10.47
CA LYS A 559 15.76 25.53 9.33
C LYS A 559 15.52 24.30 8.45
N VAL A 560 15.97 23.13 8.88
CA VAL A 560 15.79 21.88 8.11
C VAL A 560 16.58 21.83 6.81
N GLU A 561 16.50 22.83 6.05
#